data_1SNX
#
_entry.id   1SNX
#
_cell.length_a   39.50
_cell.length_b   54.9
_cell.length_c   59.2
_cell.angle_alpha   92.5
_cell.angle_beta   85.5
_cell.angle_gamma   74.0
#
_symmetry.space_group_name_H-M   'P 1'
#
_entity_poly.entity_id   1
_entity_poly.type   'polypeptide(L)'
_entity_poly.pdbx_seq_one_letter_code
;VIDPSELTFVQEIGSGQFGLVHLGYWLNKDKVAIKTIREGAMSEEDFIEEAEVMMKLSHPKLVQLYGVCLEQAPICLVFE
FMEHGCLSDYLRTQRGLFAAETLLGMCLDVCEGMAYLEEACVIHRDLAARNCLVGENQVIKVSDFGMTRFVLDDQYTSST
GTKFPVKWASPEVFSFSRYSSKSDVWSFGVLMWEVFSEGKIPYENRSNSEVVEDISTGFRLYKPRLASTHVYQIMNHCWK
ERPEDRPAFSRLLRQLAEIAESGL
;
_entity_poly.pdbx_strand_id   A,B
#
# COMPACT_ATOMS: atom_id res chain seq x y z
N VAL A 1 8.96 10.78 5.23
CA VAL A 1 9.95 11.36 6.20
C VAL A 1 10.64 12.55 5.54
N ILE A 2 9.88 13.63 5.42
CA ILE A 2 10.41 14.84 4.81
C ILE A 2 11.48 15.48 5.67
N ASP A 3 12.46 16.09 5.01
CA ASP A 3 13.57 16.72 5.71
C ASP A 3 13.63 18.24 5.51
N PRO A 4 14.07 18.96 6.55
CA PRO A 4 14.19 20.42 6.46
C PRO A 4 15.64 20.79 6.14
N SER A 5 15.99 22.06 6.27
CA SER A 5 17.35 22.47 5.98
C SER A 5 18.28 22.22 7.18
N GLU A 6 18.49 20.93 7.46
CA GLU A 6 19.35 20.47 8.54
C GLU A 6 20.63 19.93 7.89
N LEU A 7 20.73 20.15 6.58
CA LEU A 7 21.83 19.69 5.74
C LEU A 7 22.91 20.73 5.40
N THR A 8 24.17 20.29 5.43
CA THR A 8 25.32 21.16 5.15
C THR A 8 25.99 20.91 3.78
N PHE A 9 25.52 21.64 2.77
CA PHE A 9 26.02 21.52 1.41
C PHE A 9 27.49 21.79 1.25
N VAL A 10 28.24 20.71 1.08
CA VAL A 10 29.67 20.81 0.91
C VAL A 10 30.03 20.95 -0.57
N GLN A 11 30.07 19.83 -1.32
CA GLN A 11 30.42 19.87 -2.75
C GLN A 11 29.40 19.27 -3.71
N GLU A 12 29.74 19.33 -5.01
CA GLU A 12 28.89 18.80 -6.08
C GLU A 12 29.65 17.65 -6.75
N ILE A 13 28.92 16.65 -7.25
CA ILE A 13 29.52 15.49 -7.88
C ILE A 13 28.63 14.81 -8.92
N GLY A 14 28.23 15.57 -9.95
CA GLY A 14 27.38 15.03 -10.98
C GLY A 14 26.43 16.12 -11.43
N SER A 15 26.42 16.41 -12.73
CA SER A 15 25.55 17.44 -13.31
C SER A 15 24.46 16.90 -14.24
N GLY A 16 23.86 17.80 -15.00
CA GLY A 16 22.80 17.40 -15.92
C GLY A 16 21.59 18.20 -15.49
N GLN A 17 20.61 18.34 -16.36
CA GLN A 17 19.43 19.13 -16.00
C GLN A 17 18.26 18.32 -15.45
N PHE A 18 18.30 18.05 -14.14
CA PHE A 18 17.26 17.28 -13.46
C PHE A 18 17.70 17.01 -12.03
N GLY A 19 18.82 17.61 -11.67
CA GLY A 19 19.36 17.45 -10.34
C GLY A 19 20.87 17.53 -10.30
N LEU A 20 21.38 18.47 -9.52
CA LEU A 20 22.82 18.61 -9.37
C LEU A 20 23.10 17.82 -8.10
N VAL A 21 23.98 16.84 -8.19
CA VAL A 21 24.30 16.03 -7.03
C VAL A 21 25.18 16.85 -6.11
N HIS A 22 24.76 16.96 -4.85
CA HIS A 22 25.49 17.73 -3.86
C HIS A 22 25.81 17.04 -2.55
N LEU A 23 27.07 16.68 -2.40
CA LEU A 23 27.54 16.05 -1.18
C LEU A 23 27.40 17.04 -0.04
N GLY A 24 26.84 16.59 1.08
CA GLY A 24 26.68 17.45 2.23
C GLY A 24 26.63 16.65 3.53
N TYR A 25 25.99 17.20 4.55
CA TYR A 25 25.86 16.53 5.84
C TYR A 25 24.55 16.89 6.52
N TRP A 26 23.91 15.88 7.08
CA TRP A 26 22.66 16.08 7.77
C TRP A 26 22.90 15.85 9.27
N LEU A 27 22.46 16.78 10.11
CA LEU A 27 22.67 16.61 11.54
C LEU A 27 24.16 16.48 11.77
N ASN A 28 24.92 16.65 10.70
CA ASN A 28 26.36 16.53 10.73
C ASN A 28 26.71 15.09 11.02
N LYS A 29 25.74 14.36 11.57
CA LYS A 29 25.91 12.95 11.93
C LYS A 29 26.21 12.05 10.75
N ASP A 30 25.40 12.14 9.70
CA ASP A 30 25.61 11.25 8.56
C ASP A 30 26.08 11.86 7.27
N LYS A 31 26.84 11.06 6.56
CA LYS A 31 27.36 11.45 5.27
C LYS A 31 26.25 11.13 4.30
N VAL A 32 25.92 12.10 3.46
CA VAL A 32 24.88 11.89 2.48
C VAL A 32 25.21 12.44 1.10
N ALA A 33 24.30 12.15 0.17
CA ALA A 33 24.41 12.61 -1.20
C ALA A 33 23.04 13.24 -1.41
N ILE A 34 23.08 14.54 -1.67
CA ILE A 34 21.87 15.34 -1.86
C ILE A 34 21.69 15.69 -3.33
N LYS A 35 20.57 15.24 -3.91
CA LYS A 35 20.29 15.55 -5.30
C LYS A 35 19.15 16.56 -5.32
N THR A 36 19.50 17.75 -5.78
CA THR A 36 18.56 18.85 -5.90
C THR A 36 17.88 18.73 -7.27
N ILE A 37 16.89 19.58 -7.53
CA ILE A 37 16.19 19.55 -8.80
C ILE A 37 16.60 20.75 -9.66
N ARG A 38 15.71 21.74 -9.81
CA ARG A 38 15.99 22.95 -10.61
C ARG A 38 14.93 24.05 -10.40
N GLU A 39 14.08 24.25 -11.42
CA GLU A 39 13.02 25.25 -11.35
C GLU A 39 11.90 24.89 -12.33
N GLY A 40 12.30 24.34 -13.48
CA GLY A 40 11.34 23.94 -14.49
C GLY A 40 11.41 22.44 -14.78
N ALA A 41 12.43 21.80 -14.21
CA ALA A 41 12.66 20.37 -14.41
C ALA A 41 11.48 19.43 -14.18
N MET A 42 10.75 19.59 -13.08
CA MET A 42 9.62 18.69 -12.83
C MET A 42 8.59 19.22 -11.86
N SER A 43 7.32 18.96 -12.16
CA SER A 43 6.21 19.40 -11.31
C SER A 43 6.51 19.06 -9.86
N GLU A 44 5.78 19.69 -8.94
CA GLU A 44 5.96 19.39 -7.52
C GLU A 44 5.41 18.00 -7.32
N GLU A 45 4.17 17.83 -7.76
CA GLU A 45 3.47 16.54 -7.68
C GLU A 45 4.28 15.50 -8.45
N ASP A 46 4.51 15.79 -9.73
CA ASP A 46 5.27 14.92 -10.60
C ASP A 46 6.40 14.24 -9.82
N PHE A 47 7.32 15.07 -9.32
CA PHE A 47 8.47 14.61 -8.54
C PHE A 47 8.09 14.05 -7.17
N ILE A 48 6.95 14.48 -6.64
CA ILE A 48 6.47 13.98 -5.36
C ILE A 48 6.27 12.48 -5.57
N GLU A 49 5.61 12.16 -6.67
CA GLU A 49 5.31 10.78 -7.06
C GLU A 49 6.52 9.84 -6.95
N GLU A 50 7.41 9.91 -7.92
CA GLU A 50 8.59 9.06 -7.94
C GLU A 50 9.22 8.93 -6.57
N ALA A 51 9.30 10.04 -5.86
CA ALA A 51 9.89 10.04 -4.52
C ALA A 51 9.11 9.08 -3.64
N GLU A 52 7.78 9.14 -3.73
CA GLU A 52 6.89 8.30 -2.93
C GLU A 52 7.12 6.80 -3.09
N VAL A 53 7.42 6.36 -4.31
CA VAL A 53 7.65 4.94 -4.55
C VAL A 53 9.07 4.50 -4.28
N MET A 54 10.02 5.44 -4.26
CA MET A 54 11.39 5.08 -3.98
C MET A 54 11.51 4.73 -2.48
N MET A 55 10.57 5.24 -1.69
CA MET A 55 10.52 4.99 -0.25
C MET A 55 9.81 3.67 0.00
N LYS A 56 9.13 3.17 -1.03
CA LYS A 56 8.39 1.92 -0.94
C LYS A 56 9.35 0.73 -0.99
N LEU A 57 10.27 0.78 -1.94
CA LEU A 57 11.25 -0.28 -2.18
C LEU A 57 12.50 -0.13 -1.35
N SER A 58 12.99 -1.25 -0.81
CA SER A 58 14.20 -1.24 0.02
C SER A 58 14.95 -2.57 0.00
N HIS A 59 16.19 -2.55 -0.49
CA HIS A 59 17.03 -3.75 -0.57
C HIS A 59 18.52 -3.39 -0.47
N PRO A 60 19.28 -4.11 0.38
CA PRO A 60 20.71 -3.87 0.57
C PRO A 60 21.51 -3.72 -0.72
N LYS A 61 20.81 -3.58 -1.84
CA LYS A 61 21.48 -3.39 -3.12
C LYS A 61 20.96 -2.15 -3.79
N LEU A 62 19.93 -1.55 -3.23
CA LEU A 62 19.39 -0.34 -3.83
C LEU A 62 19.73 0.81 -2.91
N VAL A 63 20.39 1.83 -3.48
CA VAL A 63 20.82 3.01 -2.72
C VAL A 63 19.74 3.43 -1.76
N GLN A 64 20.05 3.35 -0.47
CA GLN A 64 19.07 3.73 0.53
C GLN A 64 18.99 5.23 0.48
N LEU A 65 17.76 5.72 0.51
CA LEU A 65 17.45 7.14 0.47
C LEU A 65 17.07 7.60 1.89
N TYR A 66 17.40 8.86 2.19
CA TYR A 66 17.16 9.42 3.52
C TYR A 66 15.93 10.29 3.78
N GLY A 67 15.98 11.51 3.30
CA GLY A 67 14.86 12.40 3.52
C GLY A 67 14.69 13.22 2.27
N VAL A 68 13.74 14.14 2.30
CA VAL A 68 13.49 14.96 1.14
C VAL A 68 13.32 16.42 1.51
N CYS A 69 13.64 17.33 0.59
CA CYS A 69 13.48 18.73 0.92
C CYS A 69 12.37 19.42 0.09
N LEU A 70 11.12 19.06 0.40
CA LEU A 70 9.94 19.63 -0.24
C LEU A 70 9.68 20.95 0.51
N GLU A 71 10.47 21.16 1.57
CA GLU A 71 10.40 22.33 2.45
C GLU A 71 10.86 23.58 1.72
N GLN A 72 10.46 23.66 0.46
CA GLN A 72 10.78 24.79 -0.39
C GLN A 72 12.27 25.03 -0.51
N ALA A 73 12.63 25.84 -1.53
CA ALA A 73 14.01 26.21 -1.88
C ALA A 73 14.51 25.16 -2.89
N PRO A 74 15.79 24.73 -2.81
CA PRO A 74 16.14 23.73 -3.83
C PRO A 74 15.59 22.36 -3.43
N ILE A 75 14.35 22.07 -3.84
CA ILE A 75 13.75 20.79 -3.52
C ILE A 75 14.68 19.68 -3.99
N CYS A 76 15.34 19.02 -3.04
CA CYS A 76 16.27 17.96 -3.37
C CYS A 76 15.91 16.65 -2.71
N LEU A 77 16.64 15.61 -3.11
CA LEU A 77 16.43 14.28 -2.58
C LEU A 77 17.73 13.88 -1.93
N VAL A 78 17.69 13.50 -0.64
CA VAL A 78 18.93 13.09 0.02
C VAL A 78 19.00 11.59 0.28
N PHE A 79 19.98 10.98 -0.36
CA PHE A 79 20.26 9.57 -0.25
C PHE A 79 21.51 9.44 0.61
N GLU A 80 21.79 8.21 1.00
CA GLU A 80 22.96 7.91 1.79
C GLU A 80 24.11 8.31 0.90
N PHE A 81 25.33 8.07 1.33
CA PHE A 81 26.43 8.42 0.47
C PHE A 81 27.33 7.24 0.13
N MET A 82 27.37 6.91 -1.15
CA MET A 82 28.17 5.81 -1.61
C MET A 82 29.59 6.30 -1.64
N GLU A 83 30.42 5.73 -0.77
CA GLU A 83 31.84 6.08 -0.64
C GLU A 83 32.74 5.84 -1.86
N HIS A 84 32.17 5.43 -2.98
CA HIS A 84 32.99 5.17 -4.16
C HIS A 84 32.32 5.38 -5.53
N GLY A 85 31.99 6.64 -5.80
CA GLY A 85 31.38 7.04 -7.04
C GLY A 85 30.46 6.01 -7.62
N CYS A 86 30.32 6.07 -8.92
CA CYS A 86 29.47 5.17 -9.65
C CYS A 86 30.30 4.07 -10.32
N LEU A 87 29.78 2.85 -10.29
CA LEU A 87 30.47 1.71 -10.87
C LEU A 87 31.23 2.11 -12.10
N SER A 88 30.60 2.94 -12.91
CA SER A 88 31.22 3.43 -14.12
C SER A 88 32.63 3.89 -13.74
N ASP A 89 32.75 5.14 -13.32
CA ASP A 89 34.03 5.72 -12.95
C ASP A 89 34.96 4.80 -12.16
N TYR A 90 34.41 4.16 -11.15
CA TYR A 90 35.17 3.26 -10.31
C TYR A 90 35.83 2.17 -11.12
N LEU A 91 35.16 1.81 -12.21
CA LEU A 91 35.67 0.78 -13.10
C LEU A 91 36.77 1.36 -13.97
N ARG A 92 36.69 2.65 -14.25
CA ARG A 92 37.71 3.28 -15.08
C ARG A 92 39.04 3.27 -14.35
N THR A 93 39.14 3.99 -13.22
CA THR A 93 40.37 3.99 -12.44
C THR A 93 40.43 2.63 -11.76
N GLN A 94 41.47 2.41 -10.96
CA GLN A 94 41.57 1.14 -10.27
C GLN A 94 41.74 0.03 -11.34
N ARG A 95 41.49 0.35 -12.61
CA ARG A 95 41.58 -0.66 -13.65
C ARG A 95 42.70 -1.67 -13.47
N GLY A 96 42.46 -2.87 -13.97
CA GLY A 96 43.44 -3.94 -13.88
C GLY A 96 43.35 -4.79 -12.63
N LEU A 97 43.75 -4.20 -11.50
CA LEU A 97 43.75 -4.88 -10.22
C LEU A 97 42.53 -5.75 -9.96
N PHE A 98 41.59 -5.76 -10.90
CA PHE A 98 40.38 -6.54 -10.73
C PHE A 98 40.54 -7.99 -11.13
N ALA A 99 40.12 -8.88 -10.24
CA ALA A 99 40.16 -10.31 -10.50
C ALA A 99 38.75 -10.61 -10.98
N ALA A 100 38.47 -11.88 -11.26
CA ALA A 100 37.16 -12.30 -11.80
C ALA A 100 36.04 -12.68 -10.84
N GLU A 101 36.38 -13.40 -9.78
CA GLU A 101 35.39 -13.81 -8.80
C GLU A 101 34.75 -12.55 -8.23
N THR A 102 35.42 -11.41 -8.43
CA THR A 102 34.96 -10.10 -7.94
C THR A 102 34.13 -9.30 -8.93
N LEU A 103 34.59 -9.24 -10.18
CA LEU A 103 33.82 -8.54 -11.17
C LEU A 103 32.49 -9.24 -11.12
N LEU A 104 32.50 -10.55 -10.93
CA LEU A 104 31.24 -11.27 -10.84
C LEU A 104 30.58 -10.97 -9.47
N GLY A 105 31.40 -10.61 -8.48
CA GLY A 105 30.89 -10.30 -7.15
C GLY A 105 30.30 -8.90 -7.02
N MET A 106 29.87 -8.39 -8.15
CA MET A 106 29.26 -7.07 -8.22
C MET A 106 28.00 -7.29 -9.02
N CYS A 107 28.18 -7.91 -10.18
CA CYS A 107 27.08 -8.19 -11.06
C CYS A 107 25.88 -8.68 -10.27
N LEU A 108 26.07 -9.69 -9.45
CA LEU A 108 24.94 -10.18 -8.64
C LEU A 108 24.40 -9.07 -7.76
N ASP A 109 25.29 -8.26 -7.21
CA ASP A 109 24.87 -7.16 -6.36
C ASP A 109 23.85 -6.39 -7.19
N VAL A 110 24.23 -6.02 -8.40
CA VAL A 110 23.31 -5.29 -9.27
C VAL A 110 22.07 -6.13 -9.44
N CYS A 111 22.31 -7.38 -9.84
CA CYS A 111 21.26 -8.35 -10.07
C CYS A 111 20.34 -8.40 -8.86
N GLU A 112 20.81 -8.95 -7.74
CA GLU A 112 19.97 -9.01 -6.56
C GLU A 112 19.14 -7.78 -6.60
N GLY A 113 19.82 -6.64 -6.66
CA GLY A 113 19.08 -5.41 -6.72
C GLY A 113 17.94 -5.52 -7.71
N MET A 114 18.26 -5.67 -8.99
CA MET A 114 17.27 -5.74 -10.06
C MET A 114 16.21 -6.83 -10.06
N ALA A 115 16.43 -7.94 -9.36
CA ALA A 115 15.41 -8.98 -9.31
C ALA A 115 14.30 -8.42 -8.44
N TYR A 116 14.69 -7.70 -7.39
CA TYR A 116 13.73 -7.09 -6.47
C TYR A 116 12.77 -6.16 -7.21
N LEU A 117 13.33 -5.18 -7.92
CA LEU A 117 12.50 -4.23 -8.67
C LEU A 117 11.84 -4.97 -9.84
N GLU A 118 12.49 -6.02 -10.31
CA GLU A 118 11.93 -6.83 -11.37
C GLU A 118 10.62 -7.29 -10.78
N GLU A 119 10.68 -7.84 -9.57
CA GLU A 119 9.46 -8.30 -8.91
C GLU A 119 8.67 -7.16 -8.33
N ALA A 120 9.35 -6.08 -7.99
CA ALA A 120 8.65 -4.93 -7.44
C ALA A 120 7.84 -4.42 -8.60
N CYS A 121 7.90 -5.19 -9.69
CA CYS A 121 7.24 -4.86 -10.93
C CYS A 121 7.43 -3.36 -11.07
N VAL A 122 8.70 -3.04 -11.28
CA VAL A 122 9.18 -1.69 -11.44
C VAL A 122 10.26 -1.77 -12.51
N ILE A 123 10.10 -0.92 -13.53
CA ILE A 123 11.03 -0.86 -14.65
C ILE A 123 12.04 0.27 -14.55
N HIS A 124 13.24 -0.09 -14.12
CA HIS A 124 14.33 0.88 -14.00
C HIS A 124 14.68 1.23 -15.43
N ARG A 125 14.29 2.43 -15.86
CA ARG A 125 14.51 2.81 -17.24
C ARG A 125 15.91 3.36 -17.61
N ASP A 126 16.96 2.76 -17.05
CA ASP A 126 18.33 3.23 -17.34
C ASP A 126 19.38 2.51 -16.47
N LEU A 127 19.36 1.18 -16.50
CA LEU A 127 20.31 0.38 -15.74
C LEU A 127 21.67 0.40 -16.41
N ALA A 128 22.63 1.10 -15.83
CA ALA A 128 23.93 1.12 -16.46
C ALA A 128 25.07 1.33 -15.51
N ALA A 129 26.27 1.09 -16.01
CA ALA A 129 27.46 1.27 -15.20
C ALA A 129 27.28 2.61 -14.51
N ARG A 130 26.98 3.61 -15.32
CA ARG A 130 26.80 4.99 -14.87
C ARG A 130 25.66 5.31 -13.91
N ASN A 131 24.89 4.31 -13.49
CA ASN A 131 23.79 4.63 -12.60
C ASN A 131 23.94 3.91 -11.31
N CYS A 132 24.57 2.75 -11.39
CA CYS A 132 24.78 1.94 -10.20
C CYS A 132 25.86 2.62 -9.38
N LEU A 133 26.02 2.20 -8.14
CA LEU A 133 27.03 2.80 -7.29
C LEU A 133 27.83 1.76 -6.49
N VAL A 134 29.04 2.15 -6.08
CA VAL A 134 29.96 1.31 -5.32
C VAL A 134 30.06 1.87 -3.92
N GLY A 135 29.97 1.04 -2.89
CA GLY A 135 30.02 1.62 -1.56
C GLY A 135 30.85 1.04 -0.42
N GLU A 136 30.15 0.54 0.59
CA GLU A 136 30.76 -0.03 1.79
C GLU A 136 31.51 -1.35 1.59
N ASN A 137 32.50 -1.33 0.69
CA ASN A 137 33.33 -2.48 0.37
C ASN A 137 32.74 -3.42 -0.70
N GLN A 138 33.18 -3.21 -1.94
CA GLN A 138 32.76 -4.00 -3.08
C GLN A 138 31.24 -4.08 -3.22
N VAL A 139 30.52 -3.77 -2.13
CA VAL A 139 29.06 -3.82 -2.17
C VAL A 139 28.59 -2.86 -3.24
N ILE A 140 27.70 -3.33 -4.12
CA ILE A 140 27.17 -2.51 -5.21
C ILE A 140 25.67 -2.30 -5.13
N LYS A 141 25.25 -1.04 -5.10
CA LYS A 141 23.83 -0.69 -5.04
C LYS A 141 23.42 0.13 -6.26
N VAL A 142 22.16 -0.01 -6.70
CA VAL A 142 21.66 0.70 -7.88
C VAL A 142 20.84 1.92 -7.53
N SER A 143 20.90 2.94 -8.37
CA SER A 143 20.14 4.16 -8.11
C SER A 143 19.68 4.88 -9.37
N ASP A 144 19.22 6.12 -9.18
CA ASP A 144 18.74 6.95 -10.27
C ASP A 144 17.57 6.32 -11.01
N PHE A 145 17.01 5.27 -10.43
CA PHE A 145 15.87 4.58 -11.03
C PHE A 145 14.60 5.32 -10.69
N GLY A 146 13.46 4.72 -11.04
CA GLY A 146 12.17 5.34 -10.76
C GLY A 146 11.61 6.14 -11.91
N PRO A 165 20.77 6.84 -25.00
CA PRO A 165 21.14 5.61 -24.28
C PRO A 165 20.69 4.32 -24.96
N VAL A 166 20.53 4.38 -26.28
CA VAL A 166 20.12 3.22 -27.06
C VAL A 166 21.17 2.15 -26.89
N LYS A 167 22.40 2.56 -26.65
CA LYS A 167 23.49 1.61 -26.48
C LYS A 167 23.08 0.51 -25.51
N TRP A 168 22.55 0.93 -24.36
CA TRP A 168 22.12 -0.03 -23.36
C TRP A 168 20.71 -0.53 -23.56
N ALA A 169 19.99 0.06 -24.52
CA ALA A 169 18.62 -0.33 -24.80
C ALA A 169 18.54 -1.70 -25.51
N SER A 170 17.31 -2.15 -25.72
CA SER A 170 17.07 -3.42 -26.38
C SER A 170 16.27 -3.19 -27.67
N PRO A 171 16.25 -4.18 -28.58
CA PRO A 171 15.51 -4.04 -29.84
C PRO A 171 14.12 -3.36 -29.73
N GLU A 172 13.36 -3.72 -28.69
CA GLU A 172 12.04 -3.14 -28.55
C GLU A 172 12.04 -1.80 -27.82
N VAL A 173 13.12 -1.03 -27.94
CA VAL A 173 13.22 0.29 -27.32
C VAL A 173 13.71 1.30 -28.34
N PHE A 174 14.34 0.80 -29.39
CA PHE A 174 14.86 1.63 -30.48
C PHE A 174 13.64 1.97 -31.32
N SER A 175 13.11 0.90 -31.90
CA SER A 175 11.96 0.92 -32.77
C SER A 175 10.62 1.27 -32.12
N PHE A 176 10.37 0.76 -30.91
CA PHE A 176 9.10 1.03 -30.24
C PHE A 176 9.17 1.89 -28.99
N SER A 177 10.13 1.60 -28.12
CA SER A 177 10.26 2.26 -26.83
C SER A 177 9.20 1.50 -26.00
N ARG A 178 9.31 0.17 -26.09
CA ARG A 178 8.42 -0.80 -25.44
C ARG A 178 9.12 -1.55 -24.30
N TYR A 179 9.65 -0.82 -23.32
CA TYR A 179 10.34 -1.43 -22.19
C TYR A 179 9.49 -2.51 -21.56
N SER A 180 10.11 -3.36 -20.73
CA SER A 180 9.37 -4.43 -20.08
C SER A 180 10.15 -5.25 -19.04
N SER A 181 11.00 -4.58 -18.24
CA SER A 181 11.76 -5.30 -17.22
C SER A 181 12.79 -6.21 -17.89
N LYS A 182 12.38 -6.84 -18.98
CA LYS A 182 13.26 -7.70 -19.75
C LYS A 182 13.97 -6.74 -20.72
N SER A 183 13.40 -5.54 -20.84
CA SER A 183 13.95 -4.50 -21.69
C SER A 183 15.26 -4.13 -21.04
N ASP A 184 15.26 -4.19 -19.72
CA ASP A 184 16.43 -3.89 -18.90
C ASP A 184 17.41 -5.03 -18.95
N VAL A 185 16.89 -6.23 -18.69
CA VAL A 185 17.70 -7.44 -18.72
C VAL A 185 18.83 -7.30 -19.75
N TRP A 186 18.57 -6.54 -20.81
CA TRP A 186 19.57 -6.30 -21.86
C TRP A 186 20.50 -5.24 -21.33
N SER A 187 19.94 -4.10 -20.95
CA SER A 187 20.75 -3.01 -20.43
C SER A 187 21.59 -3.55 -19.29
N PHE A 188 21.13 -4.62 -18.65
CA PHE A 188 21.85 -5.22 -17.56
C PHE A 188 23.01 -5.94 -18.16
N GLY A 189 22.84 -6.32 -19.41
CA GLY A 189 23.89 -7.03 -20.10
C GLY A 189 24.99 -6.07 -20.48
N VAL A 190 24.64 -5.08 -21.29
CA VAL A 190 25.62 -4.11 -21.71
C VAL A 190 26.41 -3.68 -20.49
N LEU A 191 25.71 -3.32 -19.42
CA LEU A 191 26.42 -2.91 -18.22
C LEU A 191 27.42 -4.02 -17.93
N MET A 192 26.91 -5.22 -17.64
CA MET A 192 27.75 -6.37 -17.34
C MET A 192 28.99 -6.31 -18.17
N TRP A 193 28.79 -6.19 -19.47
CA TRP A 193 29.90 -6.08 -20.37
C TRP A 193 30.85 -5.14 -19.64
N GLU A 194 30.46 -3.88 -19.54
CA GLU A 194 31.28 -2.89 -18.86
C GLU A 194 31.98 -3.42 -17.62
N VAL A 195 31.21 -3.93 -16.67
CA VAL A 195 31.81 -4.48 -15.47
C VAL A 195 33.09 -5.12 -15.94
N PHE A 196 32.98 -6.18 -16.72
CA PHE A 196 34.14 -6.92 -17.22
C PHE A 196 35.18 -6.14 -18.00
N SER A 197 34.76 -5.43 -19.04
CA SER A 197 35.73 -4.67 -19.81
C SER A 197 36.02 -3.44 -18.97
N GLU A 198 36.40 -3.71 -17.72
CA GLU A 198 36.74 -2.70 -16.74
C GLU A 198 36.38 -1.27 -17.11
N GLY A 199 35.11 -1.04 -17.38
CA GLY A 199 34.63 0.28 -17.68
C GLY A 199 34.88 0.85 -19.07
N LYS A 200 34.50 0.13 -20.10
CA LYS A 200 34.70 0.64 -21.45
C LYS A 200 33.35 0.89 -22.14
N ILE A 201 33.27 1.96 -22.93
CA ILE A 201 32.03 2.28 -23.61
C ILE A 201 31.78 1.27 -24.70
N PRO A 202 30.64 0.58 -24.63
CA PRO A 202 30.29 -0.42 -25.64
C PRO A 202 29.74 0.31 -26.85
N TYR A 203 30.07 -0.17 -28.05
CA TYR A 203 29.58 0.42 -29.30
C TYR A 203 30.17 1.81 -29.62
N GLU A 204 31.43 2.01 -29.30
CA GLU A 204 32.08 3.29 -29.51
C GLU A 204 32.20 3.80 -30.93
N ASN A 205 33.13 3.22 -31.71
CA ASN A 205 33.33 3.62 -33.09
C ASN A 205 32.10 3.26 -33.87
N ARG A 206 30.96 3.70 -33.36
CA ARG A 206 29.69 3.44 -33.97
C ARG A 206 28.63 4.51 -33.66
N SER A 207 27.85 4.84 -34.68
CA SER A 207 26.81 5.85 -34.60
C SER A 207 25.53 5.22 -34.06
N ASN A 208 24.85 5.91 -33.14
CA ASN A 208 23.60 5.41 -32.58
C ASN A 208 22.86 4.95 -33.81
N SER A 209 22.85 5.84 -34.80
CA SER A 209 22.22 5.63 -36.09
C SER A 209 23.11 4.72 -36.94
N GLU A 210 23.53 3.61 -36.33
CA GLU A 210 24.39 2.63 -36.96
C GLU A 210 24.32 1.49 -35.97
N VAL A 211 24.69 1.81 -34.74
CA VAL A 211 24.68 0.88 -33.62
C VAL A 211 23.55 -0.09 -33.79
N VAL A 212 22.37 0.46 -34.02
CA VAL A 212 21.18 -0.34 -34.18
C VAL A 212 21.38 -1.43 -35.21
N GLU A 213 21.60 -1.01 -36.45
CA GLU A 213 21.81 -1.95 -37.52
C GLU A 213 22.70 -3.08 -37.02
N ASP A 214 23.96 -2.76 -36.74
CA ASP A 214 24.93 -3.74 -36.25
C ASP A 214 24.25 -4.83 -35.39
N ILE A 215 23.50 -4.39 -34.38
CA ILE A 215 22.81 -5.31 -33.46
C ILE A 215 21.55 -5.86 -34.08
N SER A 216 21.00 -5.08 -34.99
CA SER A 216 19.81 -5.49 -35.70
C SER A 216 20.14 -6.77 -36.49
N THR A 217 21.28 -6.76 -37.17
CA THR A 217 21.70 -7.94 -37.93
C THR A 217 21.81 -9.08 -36.92
N GLY A 218 22.60 -8.81 -35.88
CA GLY A 218 22.81 -9.78 -34.81
C GLY A 218 24.16 -9.60 -34.15
N PHE A 219 24.69 -8.38 -34.16
CA PHE A 219 26.00 -8.07 -33.55
C PHE A 219 26.01 -7.74 -32.05
N ARG A 220 26.60 -8.63 -31.27
CA ARG A 220 26.69 -8.43 -29.83
C ARG A 220 28.09 -7.91 -29.53
N LEU A 221 28.32 -7.40 -28.32
CA LEU A 221 29.66 -6.90 -27.99
C LEU A 221 30.66 -8.04 -27.94
N TYR A 222 31.86 -7.83 -28.48
CA TYR A 222 32.86 -8.88 -28.44
C TYR A 222 32.96 -9.38 -27.00
N LYS A 223 33.78 -10.39 -26.76
CA LYS A 223 33.94 -10.92 -25.41
C LYS A 223 35.08 -10.18 -24.70
N PRO A 224 34.78 -9.49 -23.59
CA PRO A 224 35.84 -8.80 -22.88
C PRO A 224 36.73 -9.84 -22.19
N ARG A 225 38.04 -9.78 -22.44
CA ARG A 225 38.99 -10.74 -21.88
C ARG A 225 38.61 -11.34 -20.56
N LEU A 226 38.54 -10.52 -19.53
CA LEU A 226 38.17 -11.05 -18.24
C LEU A 226 36.89 -11.90 -18.35
N ALA A 227 36.02 -11.54 -19.28
CA ALA A 227 34.77 -12.29 -19.45
C ALA A 227 35.05 -13.75 -19.67
N SER A 228 34.34 -14.58 -18.94
CA SER A 228 34.56 -15.98 -19.09
C SER A 228 33.61 -16.54 -20.12
N THR A 229 33.95 -17.74 -20.58
CA THR A 229 33.19 -18.48 -21.59
C THR A 229 31.74 -18.72 -21.14
N HIS A 230 31.53 -18.84 -19.83
CA HIS A 230 30.19 -19.10 -19.30
C HIS A 230 29.53 -17.81 -18.92
N VAL A 231 30.30 -16.75 -19.01
CA VAL A 231 29.82 -15.42 -18.72
C VAL A 231 29.18 -15.01 -20.02
N TYR A 232 29.99 -15.06 -21.07
CA TYR A 232 29.51 -14.68 -22.40
C TYR A 232 28.26 -15.46 -22.76
N GLN A 233 27.96 -16.51 -21.99
CA GLN A 233 26.77 -17.31 -22.25
C GLN A 233 25.57 -16.47 -21.89
N ILE A 234 25.67 -15.81 -20.74
CA ILE A 234 24.59 -14.98 -20.24
C ILE A 234 24.49 -13.69 -21.01
N MET A 235 25.63 -12.99 -21.13
CA MET A 235 25.67 -11.72 -21.83
C MET A 235 24.74 -11.75 -23.05
N ASN A 236 24.74 -12.89 -23.74
CA ASN A 236 23.89 -13.09 -24.92
C ASN A 236 22.46 -13.46 -24.54
N HIS A 237 22.29 -14.09 -23.38
CA HIS A 237 20.96 -14.44 -22.89
C HIS A 237 20.30 -13.12 -22.62
N CYS A 238 21.14 -12.14 -22.33
CA CYS A 238 20.70 -10.79 -22.07
C CYS A 238 20.48 -10.13 -23.43
N TRP A 239 21.30 -10.51 -24.40
CA TRP A 239 21.16 -9.93 -25.72
C TRP A 239 20.41 -10.77 -26.74
N LYS A 240 19.62 -11.73 -26.27
CA LYS A 240 18.84 -12.51 -27.20
C LYS A 240 17.99 -11.43 -27.84
N GLU A 241 17.62 -11.58 -29.10
CA GLU A 241 16.82 -10.57 -29.76
C GLU A 241 15.38 -10.54 -29.28
N ARG A 242 14.80 -11.71 -29.07
CA ARG A 242 13.41 -11.80 -28.59
C ARG A 242 13.33 -11.71 -27.06
N PRO A 243 12.37 -10.94 -26.55
CA PRO A 243 12.20 -10.80 -25.10
C PRO A 243 11.93 -12.14 -24.49
N GLU A 244 10.73 -12.66 -24.74
CA GLU A 244 10.27 -13.96 -24.24
C GLU A 244 11.39 -14.99 -23.90
N ASP A 245 12.45 -15.04 -24.71
CA ASP A 245 13.54 -15.98 -24.46
C ASP A 245 14.75 -15.40 -23.72
N ARG A 246 14.57 -14.22 -23.12
CA ARG A 246 15.62 -13.60 -22.30
C ARG A 246 15.21 -14.03 -20.90
N PRO A 247 16.18 -14.45 -20.07
CA PRO A 247 15.87 -14.87 -18.70
C PRO A 247 15.04 -13.87 -17.89
N ALA A 248 15.04 -14.05 -16.57
CA ALA A 248 14.33 -13.15 -15.67
C ALA A 248 15.36 -12.93 -14.59
N PHE A 249 15.47 -11.69 -14.14
CA PHE A 249 16.45 -11.38 -13.10
C PHE A 249 16.43 -12.44 -12.04
N SER A 250 15.22 -12.94 -11.75
CA SER A 250 15.02 -13.98 -10.75
C SER A 250 15.88 -15.21 -11.07
N ARG A 251 15.82 -15.65 -12.32
CA ARG A 251 16.58 -16.82 -12.71
C ARG A 251 18.08 -16.50 -12.80
N LEU A 252 18.39 -15.33 -13.37
CA LEU A 252 19.77 -14.86 -13.50
C LEU A 252 20.59 -15.00 -12.23
N LEU A 253 19.97 -14.61 -11.14
CA LEU A 253 20.56 -14.65 -9.81
C LEU A 253 21.02 -16.09 -9.53
N ARG A 254 20.13 -17.04 -9.80
CA ARG A 254 20.48 -18.43 -9.59
C ARG A 254 21.63 -18.74 -10.52
N GLN A 255 21.52 -18.25 -11.75
CA GLN A 255 22.54 -18.47 -12.78
C GLN A 255 23.93 -17.96 -12.39
N LEU A 256 24.01 -16.67 -12.03
CA LEU A 256 25.28 -16.03 -11.65
C LEU A 256 25.82 -16.61 -10.34
N ALA A 257 24.90 -17.17 -9.56
CA ALA A 257 25.25 -17.81 -8.30
C ALA A 257 26.08 -19.04 -8.70
N GLU A 258 25.59 -19.74 -9.71
CA GLU A 258 26.29 -20.91 -10.22
C GLU A 258 27.74 -20.52 -10.54
N ILE A 259 27.91 -19.75 -11.64
CA ILE A 259 29.23 -19.32 -12.13
C ILE A 259 30.16 -18.66 -11.11
N ALA A 260 29.59 -17.99 -10.12
CA ALA A 260 30.40 -17.37 -9.09
C ALA A 260 31.01 -18.47 -8.28
N GLU A 261 30.61 -19.71 -8.59
CA GLU A 261 31.11 -20.89 -7.89
C GLU A 261 31.94 -21.81 -8.78
N SER A 262 33.16 -21.36 -9.11
CA SER A 262 34.13 -22.10 -9.95
C SER A 262 34.93 -21.25 -10.94
N GLY A 263 34.42 -21.17 -12.17
CA GLY A 263 35.06 -20.42 -13.23
C GLY A 263 34.37 -20.60 -14.58
N VAL B 1 -29.42 -9.34 -8.61
CA VAL B 1 -28.27 -10.06 -9.22
C VAL B 1 -28.05 -11.40 -8.51
N ILE B 2 -28.77 -12.42 -8.95
CA ILE B 2 -28.68 -13.72 -8.33
C ILE B 2 -27.46 -14.48 -8.80
N ASP B 3 -26.73 -15.05 -7.84
CA ASP B 3 -25.52 -15.81 -8.13
C ASP B 3 -25.67 -17.31 -7.85
N PRO B 4 -25.00 -18.18 -8.64
CA PRO B 4 -25.10 -19.63 -8.42
C PRO B 4 -23.96 -20.05 -7.51
N SER B 5 -23.56 -21.31 -7.55
CA SER B 5 -22.43 -21.68 -6.70
C SER B 5 -21.13 -21.70 -7.52
N GLU B 6 -20.75 -20.52 -8.00
CA GLU B 6 -19.52 -20.32 -8.78
C GLU B 6 -18.50 -19.86 -7.75
N LEU B 7 -18.94 -19.77 -6.51
CA LEU B 7 -18.14 -19.32 -5.37
C LEU B 7 -17.28 -20.47 -4.82
N THR B 8 -16.06 -20.16 -4.39
CA THR B 8 -15.16 -21.18 -3.84
C THR B 8 -14.95 -20.99 -2.34
N PHE B 9 -15.74 -21.66 -1.52
CA PHE B 9 -15.61 -21.49 -0.07
C PHE B 9 -14.25 -21.88 0.49
N VAL B 10 -13.60 -20.90 1.11
CA VAL B 10 -12.28 -21.10 1.70
C VAL B 10 -12.27 -21.49 3.18
N GLN B 11 -12.77 -20.60 4.03
CA GLN B 11 -12.80 -20.81 5.48
C GLN B 11 -14.07 -20.32 6.16
N GLU B 12 -13.94 -19.89 7.41
CA GLU B 12 -15.05 -19.34 8.20
C GLU B 12 -14.55 -18.13 9.02
N ILE B 13 -15.45 -17.21 9.34
CA ILE B 13 -15.05 -16.05 10.10
C ILE B 13 -16.23 -15.30 10.70
N GLY B 14 -16.84 -15.93 11.69
CA GLY B 14 -17.97 -15.32 12.37
C GLY B 14 -19.11 -16.31 12.40
N SER B 15 -19.48 -16.79 13.59
CA SER B 15 -20.55 -17.75 13.70
C SER B 15 -21.78 -17.22 14.41
N GLY B 16 -22.78 -18.08 14.51
CA GLY B 16 -24.05 -17.74 15.16
C GLY B 16 -25.15 -18.39 14.35
N GLN B 17 -26.37 -18.43 14.87
CA GLN B 17 -27.45 -19.07 14.13
C GLN B 17 -28.28 -18.11 13.26
N PHE B 18 -27.72 -17.75 12.11
CA PHE B 18 -28.40 -16.88 11.15
C PHE B 18 -27.45 -16.65 9.98
N GLY B 19 -26.23 -17.15 10.12
CA GLY B 19 -25.28 -16.97 9.05
C GLY B 19 -23.83 -17.16 9.39
N LEU B 20 -23.23 -18.22 8.86
CA LEU B 20 -21.82 -18.48 9.11
C LEU B 20 -21.05 -17.74 8.02
N VAL B 21 -20.30 -16.70 8.42
CA VAL B 21 -19.52 -15.91 7.46
C VAL B 21 -18.51 -16.82 6.82
N HIS B 22 -18.57 -16.93 5.49
CA HIS B 22 -17.68 -17.80 4.73
C HIS B 22 -16.79 -17.16 3.66
N LEU B 23 -15.51 -17.00 4.00
CA LEU B 23 -14.55 -16.44 3.08
C LEU B 23 -14.52 -17.29 1.82
N GLY B 24 -14.92 -16.69 0.68
CA GLY B 24 -14.91 -17.38 -0.59
C GLY B 24 -14.53 -16.56 -1.81
N TYR B 25 -14.34 -17.23 -2.95
CA TYR B 25 -14.01 -16.54 -4.18
C TYR B 25 -15.04 -16.85 -5.24
N TRP B 26 -15.52 -15.79 -5.86
CA TRP B 26 -16.51 -15.88 -6.91
C TRP B 26 -15.77 -15.81 -8.25
N LEU B 27 -16.01 -16.78 -9.13
CA LEU B 27 -15.35 -16.81 -10.43
C LEU B 27 -13.85 -16.90 -10.16
N ASN B 28 -13.50 -16.90 -8.88
CA ASN B 28 -12.12 -16.93 -8.50
C ASN B 28 -11.59 -15.50 -8.63
N LYS B 29 -12.05 -14.78 -9.65
CA LYS B 29 -11.61 -13.40 -9.89
C LYS B 29 -11.74 -12.50 -8.67
N ASP B 30 -12.75 -12.73 -7.85
CA ASP B 30 -12.92 -11.83 -6.73
C ASP B 30 -12.97 -12.43 -5.36
N LYS B 31 -12.58 -11.61 -4.39
CA LYS B 31 -12.58 -12.00 -3.00
C LYS B 31 -13.93 -11.56 -2.46
N VAL B 32 -14.42 -12.24 -1.43
CA VAL B 32 -15.70 -11.91 -0.81
C VAL B 32 -15.76 -12.44 0.63
N ALA B 33 -16.93 -12.31 1.23
CA ALA B 33 -17.21 -12.81 2.56
C ALA B 33 -18.65 -13.24 2.40
N ILE B 34 -18.86 -14.55 2.33
CA ILE B 34 -20.20 -15.14 2.14
C ILE B 34 -20.94 -15.39 3.44
N LYS B 35 -22.18 -14.90 3.53
CA LYS B 35 -22.96 -15.13 4.73
C LYS B 35 -24.05 -16.11 4.43
N THR B 36 -23.87 -17.34 4.92
CA THR B 36 -24.83 -18.42 4.75
C THR B 36 -25.87 -18.29 5.85
N ILE B 37 -27.01 -18.96 5.68
CA ILE B 37 -28.12 -18.93 6.65
C ILE B 37 -28.15 -20.19 7.54
N ARG B 38 -29.11 -21.10 7.32
CA ARG B 38 -29.25 -22.33 8.10
C ARG B 38 -30.23 -23.37 7.50
N GLU B 39 -31.50 -23.32 7.91
CA GLU B 39 -32.53 -24.26 7.44
C GLU B 39 -33.87 -23.97 8.13
N GLY B 40 -33.78 -23.37 9.30
CA GLY B 40 -34.96 -23.02 10.06
C GLY B 40 -34.81 -21.60 10.61
N ALA B 41 -33.71 -20.95 10.26
CA ALA B 41 -33.43 -19.59 10.71
C ALA B 41 -34.26 -18.46 10.07
N MET B 42 -34.71 -18.65 8.83
CA MET B 42 -35.52 -17.64 8.14
C MET B 42 -36.31 -18.13 6.93
N SER B 43 -37.52 -17.62 6.76
CA SER B 43 -38.38 -17.99 5.63
C SER B 43 -37.62 -17.68 4.33
N GLU B 44 -38.14 -18.15 3.19
CA GLU B 44 -37.49 -17.89 1.89
C GLU B 44 -37.80 -16.43 1.57
N GLU B 45 -39.08 -16.13 1.50
CA GLU B 45 -39.58 -14.78 1.23
C GLU B 45 -38.95 -13.81 2.24
N ASP B 46 -39.15 -14.11 3.50
CA ASP B 46 -38.63 -13.33 4.61
C ASP B 46 -37.28 -12.77 4.24
N PHE B 47 -36.29 -13.67 4.21
CA PHE B 47 -34.91 -13.36 3.88
C PHE B 47 -34.75 -12.70 2.50
N ILE B 48 -35.64 -13.06 1.58
CA ILE B 48 -35.66 -12.51 0.21
C ILE B 48 -35.92 -11.01 0.31
N GLU B 49 -36.82 -10.65 1.23
CA GLU B 49 -37.18 -9.26 1.46
C GLU B 49 -35.97 -8.44 1.90
N GLU B 50 -35.40 -8.83 3.03
CA GLU B 50 -34.25 -8.09 3.51
C GLU B 50 -33.16 -7.95 2.45
N ALA B 51 -32.78 -9.06 1.82
CA ALA B 51 -31.74 -9.01 0.79
C ALA B 51 -32.17 -8.31 -0.49
N GLU B 52 -33.44 -7.89 -0.54
CA GLU B 52 -34.00 -7.20 -1.70
C GLU B 52 -33.80 -5.71 -1.59
N VAL B 53 -33.86 -5.23 -0.36
CA VAL B 53 -33.70 -3.83 -0.11
C VAL B 53 -32.22 -3.55 0.05
N MET B 54 -31.45 -4.54 0.48
CA MET B 54 -30.03 -4.32 0.63
C MET B 54 -29.40 -3.92 -0.71
N MET B 55 -29.99 -4.38 -1.81
CA MET B 55 -29.48 -4.05 -3.13
C MET B 55 -29.98 -2.67 -3.55
N LYS B 56 -30.97 -2.19 -2.81
CA LYS B 56 -31.58 -0.90 -3.10
C LYS B 56 -30.73 0.26 -2.61
N LEU B 57 -30.06 0.04 -1.49
CA LEU B 57 -29.24 1.06 -0.86
C LEU B 57 -27.76 0.77 -1.07
N SER B 58 -26.99 1.83 -1.25
CA SER B 58 -25.56 1.65 -1.46
C SER B 58 -24.79 2.95 -1.36
N HIS B 59 -23.74 2.93 -0.53
CA HIS B 59 -22.89 4.09 -0.34
C HIS B 59 -21.47 3.66 -0.03
N PRO B 60 -20.47 4.50 -0.38
CA PRO B 60 -19.06 4.18 -0.13
C PRO B 60 -18.71 3.87 1.33
N LYS B 61 -19.72 3.83 2.19
CA LYS B 61 -19.52 3.52 3.60
C LYS B 61 -20.38 2.31 3.95
N LEU B 62 -21.19 1.86 3.01
CA LEU B 62 -22.02 0.72 3.29
C LEU B 62 -21.39 -0.44 2.59
N VAL B 63 -21.40 -1.58 3.28
CA VAL B 63 -20.83 -2.81 2.75
C VAL B 63 -21.51 -3.13 1.43
N GLN B 64 -20.69 -3.25 0.38
CA GLN B 64 -21.21 -3.57 -0.94
C GLN B 64 -21.30 -5.08 -1.03
N LEU B 65 -22.46 -5.54 -1.48
CA LEU B 65 -22.74 -6.96 -1.62
C LEU B 65 -22.70 -7.32 -3.11
N TYR B 66 -22.40 -8.58 -3.40
CA TYR B 66 -22.32 -9.06 -4.77
C TYR B 66 -23.57 -9.77 -5.24
N GLY B 67 -23.66 -11.04 -4.90
CA GLY B 67 -24.81 -11.84 -5.28
C GLY B 67 -25.34 -12.67 -4.12
N VAL B 68 -26.35 -13.47 -4.44
CA VAL B 68 -26.99 -14.33 -3.46
C VAL B 68 -27.11 -15.71 -4.07
N CYS B 69 -27.12 -16.76 -3.26
CA CYS B 69 -27.27 -18.13 -3.78
C CYS B 69 -28.61 -18.79 -3.38
N LEU B 70 -29.72 -18.16 -3.77
CA LEU B 70 -31.05 -18.70 -3.50
C LEU B 70 -31.08 -19.93 -4.39
N GLU B 71 -30.02 -20.08 -5.18
CA GLU B 71 -29.82 -21.18 -6.12
C GLU B 71 -29.80 -22.52 -5.37
N GLN B 72 -30.61 -22.60 -4.32
CA GLN B 72 -30.75 -23.78 -3.50
C GLN B 72 -29.41 -24.22 -2.92
N ALA B 73 -29.47 -24.73 -1.69
CA ALA B 73 -28.32 -25.19 -0.90
C ALA B 73 -28.33 -24.24 0.29
N PRO B 74 -27.20 -24.08 0.99
CA PRO B 74 -27.32 -23.14 2.12
C PRO B 74 -27.46 -21.72 1.57
N ILE B 75 -28.70 -21.30 1.29
CA ILE B 75 -28.95 -19.96 0.75
C ILE B 75 -28.14 -18.94 1.52
N CYS B 76 -27.17 -18.30 0.86
CA CYS B 76 -26.34 -17.29 1.50
C CYS B 76 -26.24 -16.03 0.70
N LEU B 77 -25.62 -15.04 1.31
CA LEU B 77 -25.43 -13.75 0.69
C LEU B 77 -23.93 -13.58 0.52
N VAL B 78 -23.52 -12.91 -0.55
CA VAL B 78 -22.11 -12.69 -0.79
C VAL B 78 -21.73 -11.21 -0.87
N PHE B 79 -21.27 -10.63 0.25
CA PHE B 79 -20.85 -9.22 0.22
C PHE B 79 -19.41 -9.22 -0.33
N GLU B 80 -18.80 -8.04 -0.40
CA GLU B 80 -17.42 -7.90 -0.85
C GLU B 80 -16.66 -8.33 0.39
N PHE B 81 -15.36 -8.58 0.28
CA PHE B 81 -14.64 -9.02 1.47
C PHE B 81 -13.93 -7.89 2.17
N MET B 82 -14.44 -7.50 3.32
CA MET B 82 -13.76 -6.44 4.00
C MET B 82 -12.44 -7.00 4.48
N GLU B 83 -11.37 -6.35 4.03
CA GLU B 83 -9.99 -6.74 4.31
C GLU B 83 -9.45 -6.66 5.75
N HIS B 84 -10.26 -6.19 6.70
CA HIS B 84 -9.72 -6.09 8.04
C HIS B 84 -10.73 -6.39 9.17
N GLY B 85 -11.54 -7.43 9.01
CA GLY B 85 -12.52 -7.77 10.02
C GLY B 85 -13.39 -6.61 10.49
N CYS B 86 -14.27 -6.86 11.44
CA CYS B 86 -15.16 -5.82 11.96
C CYS B 86 -14.48 -4.82 12.89
N LEU B 87 -14.64 -3.53 12.61
CA LEU B 87 -14.04 -2.47 13.42
C LEU B 87 -13.73 -2.91 14.84
N SER B 88 -14.65 -3.68 15.39
CA SER B 88 -14.53 -4.22 16.74
C SER B 88 -13.13 -4.77 16.97
N ASP B 89 -12.89 -5.99 16.51
CA ASP B 89 -11.60 -6.63 16.66
C ASP B 89 -10.41 -5.83 16.10
N TYR B 90 -10.67 -4.96 15.14
CA TYR B 90 -9.60 -4.17 14.57
C TYR B 90 -9.17 -3.09 15.54
N LEU B 91 -10.07 -2.70 16.42
CA LEU B 91 -9.77 -1.68 17.42
C LEU B 91 -8.90 -2.32 18.48
N ARG B 92 -9.30 -3.50 18.94
CA ARG B 92 -8.56 -4.23 19.96
C ARG B 92 -7.07 -4.24 19.59
N THR B 93 -6.65 -5.22 18.80
CA THR B 93 -5.26 -5.28 18.37
C THR B 93 -4.91 -3.92 17.73
N GLN B 94 -3.68 -3.76 17.26
CA GLN B 94 -3.31 -2.50 16.62
C GLN B 94 -3.47 -1.37 17.61
N ARG B 95 -4.11 -1.65 18.74
CA ARG B 95 -4.38 -0.63 19.74
C ARG B 95 -3.23 0.34 19.98
N GLY B 96 -3.58 1.49 20.55
CA GLY B 96 -2.64 2.53 20.90
C GLY B 96 -1.99 3.26 19.75
N LEU B 97 -1.46 2.51 18.80
CA LEU B 97 -0.80 3.13 17.67
C LEU B 97 -1.71 4.11 16.95
N PHE B 98 -2.92 4.33 17.48
CA PHE B 98 -3.91 5.25 16.87
C PHE B 98 -3.80 6.69 17.37
N ALA B 99 -3.91 7.66 16.46
CA ALA B 99 -3.89 9.06 16.85
C ALA B 99 -5.36 9.46 16.94
N ALA B 100 -5.64 10.76 17.05
CA ALA B 100 -7.01 11.27 17.19
C ALA B 100 -7.80 11.58 15.91
N GLU B 101 -7.15 12.33 15.02
CA GLU B 101 -7.75 12.70 13.76
C GLU B 101 -8.04 11.44 12.95
N THR B 102 -7.62 10.28 13.44
CA THR B 102 -7.85 9.02 12.72
C THR B 102 -9.06 8.26 13.20
N LEU B 103 -9.23 8.21 14.52
CA LEU B 103 -10.40 7.54 15.04
C LEU B 103 -11.56 8.29 14.43
N LEU B 104 -11.56 9.61 14.60
CA LEU B 104 -12.61 10.48 14.07
C LEU B 104 -12.80 10.19 12.57
N GLY B 105 -11.68 9.92 11.91
CA GLY B 105 -11.65 9.63 10.49
C GLY B 105 -12.14 8.23 10.22
N MET B 106 -13.05 7.81 11.08
CA MET B 106 -13.66 6.52 10.96
C MET B 106 -15.14 6.78 11.20
N CYS B 107 -15.41 7.31 12.38
CA CYS B 107 -16.76 7.62 12.82
C CYS B 107 -17.57 8.42 11.81
N LEU B 108 -16.86 9.07 10.89
CA LEU B 108 -17.52 9.84 9.84
C LEU B 108 -17.91 8.84 8.80
N ASP B 109 -16.98 7.90 8.59
CA ASP B 109 -17.20 6.84 7.65
C ASP B 109 -18.47 6.08 8.06
N VAL B 110 -18.64 5.85 9.35
CA VAL B 110 -19.82 5.17 9.84
C VAL B 110 -20.96 6.15 9.79
N CYS B 111 -20.70 7.34 10.34
CA CYS B 111 -21.69 8.41 10.41
C CYS B 111 -22.23 8.73 9.03
N GLU B 112 -21.32 8.93 8.09
CA GLU B 112 -21.76 9.19 6.74
C GLU B 112 -22.62 7.99 6.47
N GLY B 113 -21.97 6.82 6.43
CA GLY B 113 -22.67 5.57 6.17
C GLY B 113 -24.11 5.62 6.64
N MET B 114 -24.31 5.76 7.95
CA MET B 114 -25.64 5.83 8.51
C MET B 114 -26.52 6.95 7.94
N ALA B 115 -26.00 8.18 7.94
CA ALA B 115 -26.74 9.32 7.40
C ALA B 115 -27.63 8.85 6.25
N TYR B 116 -27.00 8.24 5.24
CA TYR B 116 -27.72 7.71 4.08
C TYR B 116 -28.92 6.89 4.52
N LEU B 117 -28.69 5.81 5.26
CA LEU B 117 -29.78 4.95 5.70
C LEU B 117 -30.72 5.75 6.56
N GLU B 118 -30.17 6.68 7.32
CA GLU B 118 -31.02 7.52 8.13
C GLU B 118 -31.99 8.13 7.14
N GLU B 119 -31.48 8.66 6.03
CA GLU B 119 -32.32 9.28 5.00
C GLU B 119 -33.04 8.28 4.10
N ALA B 120 -32.34 7.21 3.74
CA ALA B 120 -32.94 6.18 2.92
C ALA B 120 -34.00 5.67 3.85
N CYS B 121 -34.11 6.38 4.96
CA CYS B 121 -35.06 6.05 5.98
C CYS B 121 -34.94 4.55 6.14
N VAL B 122 -33.94 4.19 6.92
CA VAL B 122 -33.58 2.81 7.24
C VAL B 122 -33.20 2.74 8.71
N ILE B 123 -33.61 1.64 9.37
CA ILE B 123 -33.34 1.43 10.79
C ILE B 123 -32.41 0.25 11.09
N HIS B 124 -31.10 0.51 11.01
CA HIS B 124 -30.07 -0.49 11.28
C HIS B 124 -30.17 -0.80 12.74
N ARG B 125 -31.04 -1.74 13.06
CA ARG B 125 -31.29 -2.09 14.44
C ARG B 125 -30.16 -2.77 15.22
N ASP B 126 -28.95 -2.20 15.17
CA ASP B 126 -27.82 -2.78 15.91
C ASP B 126 -26.46 -2.29 15.44
N LEU B 127 -26.33 -0.98 15.35
CA LEU B 127 -25.07 -0.37 14.94
C LEU B 127 -24.08 -0.51 16.08
N ALA B 128 -22.88 -0.98 15.78
CA ALA B 128 -21.89 -1.11 16.85
C ALA B 128 -20.48 -1.42 16.37
N ALA B 129 -19.55 -1.41 17.32
CA ALA B 129 -18.17 -1.70 17.03
C ALA B 129 -18.06 -3.04 16.36
N ARG B 130 -18.95 -3.96 16.73
CA ARG B 130 -18.89 -5.30 16.15
C ARG B 130 -19.74 -5.54 14.90
N ASN B 131 -20.13 -4.48 14.20
CA ASN B 131 -20.94 -4.68 13.01
C ASN B 131 -20.46 -3.90 11.84
N CYS B 132 -19.59 -2.92 12.11
CA CYS B 132 -18.96 -2.12 11.06
C CYS B 132 -17.75 -2.96 10.68
N LEU B 133 -17.17 -2.69 9.53
CA LEU B 133 -16.00 -3.48 9.13
C LEU B 133 -14.94 -2.54 8.63
N VAL B 134 -13.66 -2.93 8.79
CA VAL B 134 -12.55 -2.10 8.34
C VAL B 134 -12.00 -2.55 6.98
N GLY B 135 -11.59 -1.61 6.13
CA GLY B 135 -11.14 -2.04 4.82
C GLY B 135 -9.90 -1.57 4.09
N GLU B 136 -10.14 -1.18 2.84
CA GLU B 136 -9.11 -0.74 1.92
C GLU B 136 -8.26 0.44 2.36
N ASN B 137 -8.01 0.54 3.67
CA ASN B 137 -7.19 1.57 4.32
C ASN B 137 -7.97 2.53 5.25
N GLN B 138 -8.09 2.14 6.52
CA GLN B 138 -8.78 2.92 7.53
C GLN B 138 -10.25 3.17 7.19
N VAL B 139 -10.58 3.01 5.91
CA VAL B 139 -11.95 3.23 5.43
C VAL B 139 -12.85 2.27 6.19
N ILE B 140 -14.00 2.77 6.63
CA ILE B 140 -14.96 1.97 7.40
C ILE B 140 -16.35 1.93 6.75
N LYS B 141 -16.81 0.72 6.44
CA LYS B 141 -18.14 0.54 5.84
C LYS B 141 -19.02 -0.17 6.86
N VAL B 142 -20.31 0.18 6.91
CA VAL B 142 -21.23 -0.42 7.87
C VAL B 142 -21.85 -1.71 7.34
N SER B 143 -22.40 -2.52 8.23
CA SER B 143 -23.00 -3.76 7.81
C SER B 143 -23.85 -4.48 8.85
N ASP B 144 -24.27 -5.69 8.50
CA ASP B 144 -25.10 -6.51 9.37
C ASP B 144 -26.48 -5.91 9.60
N PHE B 145 -26.74 -4.78 8.96
CA PHE B 145 -28.04 -4.11 9.07
C PHE B 145 -29.15 -4.89 8.37
N GLY B 146 -30.24 -4.19 8.03
CA GLY B 146 -31.34 -4.84 7.34
C GLY B 146 -32.38 -5.45 8.24
N PRO B 165 -28.45 -7.00 23.83
CA PRO B 165 -27.65 -5.85 23.40
C PRO B 165 -28.18 -4.48 23.87
N VAL B 166 -28.53 -4.41 25.16
CA VAL B 166 -29.06 -3.19 25.77
C VAL B 166 -27.95 -2.15 25.85
N LYS B 167 -26.74 -2.61 26.16
CA LYS B 167 -25.61 -1.70 26.27
C LYS B 167 -25.71 -0.57 25.25
N TRP B 168 -25.77 -0.95 23.98
CA TRP B 168 -25.87 0.01 22.86
C TRP B 168 -27.32 0.41 22.56
N ALA B 169 -28.24 0.08 23.46
CA ALA B 169 -29.63 0.44 23.27
C ALA B 169 -29.92 1.77 23.97
N SER B 170 -30.94 2.47 23.49
CA SER B 170 -31.32 3.76 24.08
C SER B 170 -32.47 3.58 25.09
N PRO B 171 -32.82 4.65 25.82
CA PRO B 171 -33.91 4.54 26.80
C PRO B 171 -35.22 3.97 26.26
N GLU B 172 -35.59 4.32 25.04
CA GLU B 172 -36.84 3.80 24.49
C GLU B 172 -36.77 2.38 23.90
N VAL B 173 -35.60 1.77 23.88
CA VAL B 173 -35.47 0.41 23.35
C VAL B 173 -35.50 -0.55 24.52
N PHE B 174 -35.20 -0.04 25.71
CA PHE B 174 -35.18 -0.82 26.95
C PHE B 174 -36.60 -1.19 27.36
N SER B 175 -37.24 -0.17 27.93
CA SER B 175 -38.60 -0.23 28.45
C SER B 175 -39.68 -0.41 27.38
N PHE B 176 -39.45 0.16 26.18
CA PHE B 176 -40.39 0.06 25.07
C PHE B 176 -39.92 -0.74 23.88
N SER B 177 -38.64 -0.59 23.54
CA SER B 177 -38.07 -1.25 22.38
C SER B 177 -38.86 -0.58 21.25
N ARG B 178 -38.66 0.73 21.14
CA ARG B 178 -39.31 1.58 20.16
C ARG B 178 -38.21 2.30 19.35
N TYR B 179 -37.38 1.52 18.66
CA TYR B 179 -36.28 2.07 17.87
C TYR B 179 -36.78 3.22 17.00
N SER B 180 -35.88 4.06 16.50
CA SER B 180 -36.30 5.17 15.66
C SER B 180 -35.20 6.02 15.05
N SER B 181 -34.20 5.38 14.46
CA SER B 181 -33.12 6.14 13.82
C SER B 181 -32.27 6.89 14.83
N LYS B 182 -32.93 7.55 15.78
CA LYS B 182 -32.21 8.26 16.82
C LYS B 182 -31.87 7.14 17.81
N SER B 183 -32.67 6.09 17.74
CA SER B 183 -32.46 4.93 18.59
C SER B 183 -30.99 4.57 18.42
N ASP B 184 -30.58 4.53 17.16
CA ASP B 184 -29.22 4.21 16.79
C ASP B 184 -28.29 5.34 17.15
N VAL B 185 -28.65 6.53 16.72
CA VAL B 185 -27.82 7.67 17.00
C VAL B 185 -27.11 7.38 18.33
N TRP B 186 -27.83 6.77 19.28
CA TRP B 186 -27.24 6.41 20.58
C TRP B 186 -26.41 5.19 20.34
N SER B 187 -26.99 4.18 19.73
CA SER B 187 -26.22 2.98 19.45
C SER B 187 -25.06 3.41 18.56
N PHE B 188 -25.01 4.69 18.22
CA PHE B 188 -23.92 5.21 17.42
C PHE B 188 -22.97 5.96 18.35
N GLY B 189 -23.47 6.41 19.48
CA GLY B 189 -22.62 7.10 20.42
C GLY B 189 -21.78 6.02 21.05
N VAL B 190 -22.45 5.06 21.68
CA VAL B 190 -21.75 3.97 22.33
C VAL B 190 -20.70 3.41 21.40
N LEU B 191 -21.10 2.86 20.26
CA LEU B 191 -20.09 2.32 19.35
C LEU B 191 -18.94 3.33 19.35
N MET B 192 -19.25 4.53 18.87
CA MET B 192 -18.28 5.61 18.79
C MET B 192 -17.34 5.54 19.98
N TRP B 193 -17.93 5.43 21.16
CA TRP B 193 -17.16 5.34 22.39
C TRP B 193 -16.11 4.30 22.07
N GLU B 194 -16.56 3.07 21.83
CA GLU B 194 -15.64 2.00 21.51
C GLU B 194 -14.51 2.45 20.59
N VAL B 195 -14.78 3.36 19.67
CA VAL B 195 -13.67 3.79 18.84
C VAL B 195 -12.65 4.37 19.79
N PHE B 196 -12.95 5.51 20.42
CA PHE B 196 -11.98 6.13 21.32
C PHE B 196 -11.47 5.24 22.44
N SER B 197 -12.36 4.46 23.03
CA SER B 197 -11.95 3.54 24.07
C SER B 197 -11.28 2.42 23.30
N GLU B 198 -10.60 2.81 22.23
CA GLU B 198 -9.86 1.91 21.34
C GLU B 198 -10.31 0.46 21.30
N GLY B 199 -11.59 0.20 21.55
CA GLY B 199 -12.08 -1.16 21.51
C GLY B 199 -12.19 -1.81 22.87
N LYS B 200 -12.95 -1.19 23.73
CA LYS B 200 -13.15 -1.72 25.09
C LYS B 200 -14.66 -1.75 25.37
N ILE B 201 -15.18 -2.89 25.79
CA ILE B 201 -16.63 -2.95 26.04
C ILE B 201 -17.08 -1.89 27.03
N PRO B 202 -18.28 -1.34 26.80
CA PRO B 202 -18.94 -0.30 27.61
C PRO B 202 -19.91 -0.92 28.61
N TYR B 203 -19.90 -0.42 29.84
CA TYR B 203 -20.79 -0.94 30.87
C TYR B 203 -20.33 -2.38 31.15
N GLU B 204 -19.06 -2.57 31.54
CA GLU B 204 -18.57 -3.93 31.78
C GLU B 204 -18.95 -4.60 33.07
N ASN B 205 -18.37 -4.16 34.17
CA ASN B 205 -18.68 -4.76 35.47
C ASN B 205 -20.11 -4.42 35.87
N ARG B 206 -21.05 -4.53 34.94
CA ARG B 206 -22.44 -4.21 35.22
C ARG B 206 -23.44 -5.11 34.51
N SER B 207 -24.52 -5.44 35.23
CA SER B 207 -25.59 -6.29 34.72
C SER B 207 -26.56 -5.49 33.85
N ASN B 208 -27.06 -6.11 32.79
CA ASN B 208 -28.01 -5.45 31.91
C ASN B 208 -29.08 -4.91 32.83
N SER B 209 -29.41 -5.73 33.81
CA SER B 209 -30.41 -5.42 34.84
C SER B 209 -29.74 -4.55 35.88
N GLU B 210 -28.97 -3.59 35.38
CA GLU B 210 -28.23 -2.68 36.23
C GLU B 210 -27.88 -1.51 35.32
N VAL B 211 -27.36 -1.83 34.15
CA VAL B 211 -26.98 -0.83 33.14
C VAL B 211 -28.10 0.19 32.97
N VAL B 212 -29.28 -0.31 32.64
CA VAL B 212 -30.46 0.53 32.45
C VAL B 212 -30.45 1.58 33.51
N GLU B 213 -30.60 1.09 34.73
CA GLU B 213 -30.63 1.93 35.89
C GLU B 213 -29.54 2.97 35.78
N ASP B 214 -28.30 2.54 35.98
CA ASP B 214 -27.17 3.45 35.91
C ASP B 214 -27.41 4.59 34.91
N ILE B 215 -27.83 4.23 33.70
CA ILE B 215 -28.10 5.22 32.65
C ILE B 215 -29.43 5.91 32.82
N SER B 216 -30.41 5.17 33.29
CA SER B 216 -31.73 5.72 33.51
C SER B 216 -31.60 6.90 34.48
N THR B 217 -30.82 6.72 35.55
CA THR B 217 -30.61 7.80 36.50
C THR B 217 -30.05 9.00 35.73
N GLY B 218 -29.11 8.69 34.84
CA GLY B 218 -28.47 9.69 34.01
C GLY B 218 -26.98 9.42 33.81
N PHE B 219 -26.52 8.23 34.21
CA PHE B 219 -25.10 7.85 34.09
C PHE B 219 -24.61 7.55 32.68
N ARG B 220 -23.48 8.15 32.31
CA ARG B 220 -22.91 7.93 31.00
C ARG B 220 -21.45 7.49 31.13
N LEU B 221 -20.94 6.81 30.10
CA LEU B 221 -19.58 6.31 30.09
C LEU B 221 -18.55 7.43 30.30
N TYR B 222 -17.58 7.18 31.17
CA TYR B 222 -16.54 8.15 31.45
C TYR B 222 -15.99 8.70 30.14
N LYS B 223 -15.22 9.77 30.23
CA LYS B 223 -14.67 10.28 29.00
C LYS B 223 -13.42 9.47 28.69
N PRO B 224 -13.39 8.82 27.53
CA PRO B 224 -12.20 8.04 27.18
C PRO B 224 -10.96 8.93 26.94
N ARG B 225 -9.79 8.49 27.43
CA ARG B 225 -8.57 9.29 27.30
C ARG B 225 -8.37 10.00 25.98
N LEU B 226 -8.56 9.27 24.89
CA LEU B 226 -8.40 9.85 23.57
C LEU B 226 -9.64 10.66 23.21
N ALA B 227 -10.72 10.45 23.96
CA ALA B 227 -11.94 11.19 23.72
C ALA B 227 -11.54 12.62 23.96
N SER B 228 -12.12 13.53 23.20
CA SER B 228 -11.82 14.93 23.39
C SER B 228 -12.95 15.55 24.14
N THR B 229 -12.67 16.75 24.62
CA THR B 229 -13.61 17.57 25.37
C THR B 229 -14.82 17.85 24.47
N HIS B 230 -14.49 18.19 23.23
CA HIS B 230 -15.46 18.53 22.21
C HIS B 230 -16.04 17.26 21.61
N VAL B 231 -15.23 16.21 21.66
CA VAL B 231 -15.67 14.91 21.18
C VAL B 231 -16.62 14.36 22.23
N TYR B 232 -16.15 14.29 23.47
CA TYR B 232 -16.98 13.79 24.55
C TYR B 232 -18.28 14.59 24.63
N GLN B 233 -18.34 15.69 23.88
CA GLN B 233 -19.54 16.54 23.87
C GLN B 233 -20.64 15.81 23.07
N ILE B 234 -20.30 15.47 21.83
CA ILE B 234 -21.22 14.79 20.96
C ILE B 234 -21.80 13.56 21.63
N MET B 235 -20.89 12.65 22.01
CA MET B 235 -21.25 11.41 22.66
C MET B 235 -22.48 11.57 23.53
N ASN B 236 -22.53 12.66 24.28
CA ASN B 236 -23.67 12.90 25.15
C ASN B 236 -24.91 13.32 24.37
N HIS B 237 -24.69 13.93 23.20
CA HIS B 237 -25.81 14.33 22.37
C HIS B 237 -26.51 13.06 21.95
N CYS B 238 -25.69 12.05 21.65
CA CYS B 238 -26.20 10.76 21.24
C CYS B 238 -26.77 10.10 22.49
N TRP B 239 -26.32 10.56 23.65
CA TRP B 239 -26.76 10.01 24.94
C TRP B 239 -27.82 10.83 25.65
N LYS B 240 -28.39 11.81 24.94
CA LYS B 240 -29.46 12.62 25.49
C LYS B 240 -30.62 11.64 25.65
N GLU B 241 -31.12 11.47 26.86
CA GLU B 241 -32.21 10.52 27.14
C GLU B 241 -33.46 10.76 26.29
N ARG B 242 -33.61 12.00 25.84
CA ARG B 242 -34.75 12.38 25.02
C ARG B 242 -34.39 12.35 23.51
N PRO B 243 -35.10 11.52 22.71
CA PRO B 243 -34.80 11.47 21.28
C PRO B 243 -34.79 12.87 20.69
N GLU B 244 -35.99 13.42 20.50
CA GLU B 244 -36.17 14.75 19.94
C GLU B 244 -34.94 15.64 20.04
N ASP B 245 -34.26 15.59 21.17
CA ASP B 245 -33.09 16.42 21.33
C ASP B 245 -31.80 15.70 20.99
N ARG B 246 -31.89 14.51 20.42
CA ARG B 246 -30.69 13.82 20.00
C ARG B 246 -30.59 14.26 18.56
N PRO B 247 -29.39 14.67 18.11
CA PRO B 247 -29.20 15.12 16.73
C PRO B 247 -29.63 14.08 15.66
N ALA B 248 -29.43 14.41 14.39
CA ALA B 248 -29.76 13.52 13.29
C ALA B 248 -28.47 13.36 12.56
N PHE B 249 -28.14 12.11 12.23
CA PHE B 249 -26.90 11.81 11.53
C PHE B 249 -26.45 12.93 10.59
N SER B 250 -27.39 13.45 9.81
CA SER B 250 -27.07 14.53 8.88
C SER B 250 -26.24 15.61 9.58
N ARG B 251 -26.81 16.24 10.59
CA ARG B 251 -26.12 17.31 11.34
C ARG B 251 -24.79 16.86 12.00
N LEU B 252 -24.78 15.62 12.50
CA LEU B 252 -23.62 15.02 13.16
C LEU B 252 -22.44 15.02 12.24
N LEU B 253 -22.71 14.71 10.97
CA LEU B 253 -21.67 14.67 9.96
C LEU B 253 -21.15 16.10 9.78
N ARG B 254 -22.07 17.07 9.88
CA ARG B 254 -21.71 18.47 9.80
C ARG B 254 -20.72 18.62 10.93
N GLN B 255 -21.24 18.33 12.13
CA GLN B 255 -20.50 18.39 13.40
C GLN B 255 -19.12 17.72 13.43
N LEU B 256 -19.09 16.41 13.22
CA LEU B 256 -17.84 15.68 13.23
C LEU B 256 -16.93 16.34 12.21
N ALA B 257 -17.54 16.83 11.14
CA ALA B 257 -16.78 17.51 10.12
C ALA B 257 -15.99 18.57 10.86
N GLU B 258 -16.68 19.24 11.78
CA GLU B 258 -16.09 20.30 12.61
C GLU B 258 -14.82 19.87 13.31
N ILE B 259 -15.04 19.13 14.39
CA ILE B 259 -14.00 18.62 15.27
C ILE B 259 -12.77 18.08 14.57
N ALA B 260 -12.96 17.34 13.48
CA ALA B 260 -11.83 16.78 12.74
C ALA B 260 -10.87 17.87 12.24
N GLU B 261 -11.40 19.08 12.12
CA GLU B 261 -10.63 20.22 11.65
C GLU B 261 -10.09 21.08 12.81
N SER B 262 -8.88 20.76 13.29
CA SER B 262 -8.20 21.46 14.40
C SER B 262 -8.16 20.66 15.71
N GLY B 263 -9.05 20.97 16.65
CA GLY B 263 -9.10 20.26 17.92
C GLY B 263 -10.33 20.55 18.79
#